data_1UT3
#
_entry.id   1UT3
#
_cell.length_a   1.000
_cell.length_b   1.000
_cell.length_c   1.000
_cell.angle_alpha   90.00
_cell.angle_beta   90.00
_cell.angle_gamma   90.00
#
_symmetry.space_group_name_H-M   'P 1'
#
_entity_poly.entity_id   1
_entity_poly.type   'polypeptide(L)'
_entity_poly.pdbx_seq_one_letter_code
;SFGLCRLRRGFCARGRCRFPSIPIGRCSRFVQCCRRVW
;
_entity_poly.pdbx_strand_id   A
#
# COMPACT_ATOMS: atom_id res chain seq x y z
N SER A 1 -12.16 2.64 -1.27
CA SER A 1 -10.95 1.82 -1.38
C SER A 1 -10.29 2.00 -2.74
N PHE A 2 -8.95 1.93 -2.77
CA PHE A 2 -8.16 2.08 -4.00
C PHE A 2 -8.13 3.53 -4.48
N GLY A 3 -9.30 4.14 -4.60
CA GLY A 3 -9.40 5.51 -5.06
C GLY A 3 -8.80 6.51 -4.10
N LEU A 4 -8.91 6.23 -2.80
CA LEU A 4 -8.37 7.12 -1.79
C LEU A 4 -6.85 7.04 -1.70
N CYS A 5 -6.26 6.17 -2.51
CA CYS A 5 -4.82 6.02 -2.53
C CYS A 5 -4.33 5.90 -3.97
N ARG A 6 -3.15 5.32 -4.16
CA ARG A 6 -2.56 5.15 -5.49
C ARG A 6 -2.45 6.50 -6.19
N LEU A 7 -2.28 7.55 -5.38
CA LEU A 7 -2.17 8.90 -5.90
C LEU A 7 -0.81 9.12 -6.55
N ARG A 8 0.26 8.82 -5.81
CA ARG A 8 1.61 8.98 -6.32
C ARG A 8 2.12 7.66 -6.88
N ARG A 9 2.10 6.63 -6.05
CA ARG A 9 2.55 5.31 -6.45
C ARG A 9 2.28 4.29 -5.34
N GLY A 10 1.14 4.42 -4.70
CA GLY A 10 0.79 3.49 -3.64
C GLY A 10 0.21 2.21 -4.21
N PHE A 11 0.83 1.09 -3.93
CA PHE A 11 0.35 -0.18 -4.43
C PHE A 11 -0.35 -0.98 -3.35
N CYS A 12 -1.45 -1.60 -3.72
CA CYS A 12 -2.23 -2.37 -2.78
C CYS A 12 -1.55 -3.72 -2.49
N ALA A 13 -1.34 -4.00 -1.22
CA ALA A 13 -0.71 -5.24 -0.80
C ALA A 13 -1.61 -5.98 0.17
N ARG A 14 -1.72 -7.29 -0.03
CA ARG A 14 -2.55 -8.13 0.81
C ARG A 14 -1.97 -8.26 2.21
N GLY A 15 -2.74 -7.84 3.20
CA GLY A 15 -2.29 -7.94 4.57
C GLY A 15 -1.20 -6.94 4.91
N ARG A 16 -0.13 -7.44 5.51
CA ARG A 16 1.00 -6.60 5.91
C ARG A 16 1.87 -6.24 4.72
N CYS A 17 2.45 -5.04 4.78
CA CYS A 17 3.33 -4.56 3.72
C CYS A 17 4.61 -5.36 3.65
N ARG A 18 5.18 -5.44 2.46
CA ARG A 18 6.42 -6.17 2.24
C ARG A 18 7.57 -5.45 2.90
N PHE A 19 8.68 -6.16 3.08
CA PHE A 19 9.87 -5.61 3.73
C PHE A 19 10.25 -4.22 3.19
N PRO A 20 10.51 -4.06 1.87
CA PRO A 20 10.87 -2.77 1.30
C PRO A 20 9.65 -1.95 0.91
N SER A 21 8.67 -1.87 1.80
CA SER A 21 7.44 -1.14 1.55
C SER A 21 6.85 -0.62 2.86
N ILE A 22 6.51 0.66 2.90
CA ILE A 22 5.92 1.26 4.08
C ILE A 22 4.43 1.50 3.91
N PRO A 23 3.65 1.23 4.96
CA PRO A 23 2.19 1.38 4.94
C PRO A 23 1.75 2.84 5.13
N ILE A 24 1.91 3.64 4.08
CA ILE A 24 1.52 5.06 4.13
C ILE A 24 0.02 5.20 4.35
N GLY A 25 -0.73 4.23 3.86
CA GLY A 25 -2.17 4.26 4.00
C GLY A 25 -2.76 2.89 3.76
N ARG A 26 -4.09 2.81 3.72
CA ARG A 26 -4.76 1.54 3.48
C ARG A 26 -5.47 1.56 2.13
N CYS A 27 -5.27 0.51 1.35
CA CYS A 27 -5.92 0.40 0.06
C CYS A 27 -7.36 -0.01 0.27
N SER A 28 -7.56 -0.84 1.29
CA SER A 28 -8.87 -1.33 1.66
C SER A 28 -8.90 -1.48 3.18
N ARG A 29 -9.54 -2.52 3.68
CA ARG A 29 -9.59 -2.74 5.13
C ARG A 29 -8.33 -3.46 5.58
N PHE A 30 -8.08 -4.63 5.01
CA PHE A 30 -6.91 -5.42 5.34
C PHE A 30 -5.79 -5.09 4.37
N VAL A 31 -6.15 -4.91 3.11
CA VAL A 31 -5.19 -4.58 2.07
C VAL A 31 -4.63 -3.17 2.30
N GLN A 32 -3.33 -3.09 2.53
CA GLN A 32 -2.69 -1.80 2.77
C GLN A 32 -2.22 -1.19 1.46
N CYS A 33 -1.99 0.11 1.47
CA CYS A 33 -1.52 0.83 0.30
C CYS A 33 -0.04 1.12 0.50
N CYS A 34 0.72 0.05 0.46
CA CYS A 34 2.15 0.11 0.68
C CYS A 34 2.87 0.94 -0.37
N ARG A 35 3.71 1.82 0.12
CA ARG A 35 4.50 2.70 -0.73
C ARG A 35 5.95 2.25 -0.68
N ARG A 36 6.63 2.24 -1.83
CA ARG A 36 8.03 1.84 -1.87
C ARG A 36 8.88 2.78 -1.04
N VAL A 37 9.96 2.25 -0.50
CA VAL A 37 10.86 3.03 0.34
C VAL A 37 12.31 2.66 0.00
N TRP A 38 12.55 2.44 -1.28
CA TRP A 38 13.86 2.09 -1.78
C TRP A 38 14.78 3.31 -1.77
N SER A 1 -7.09 4.98 1.57
CA SER A 1 -7.37 5.32 0.16
C SER A 1 -6.46 4.52 -0.77
N PHE A 2 -7.06 3.79 -1.70
CA PHE A 2 -6.28 3.01 -2.64
C PHE A 2 -6.01 3.81 -3.91
N GLY A 3 -6.99 4.60 -4.33
CA GLY A 3 -6.85 5.41 -5.54
C GLY A 3 -5.64 6.31 -5.51
N LEU A 4 -5.47 7.05 -4.42
CA LEU A 4 -4.33 7.95 -4.28
C LEU A 4 -3.04 7.16 -4.25
N CYS A 5 -3.07 6.04 -3.55
CA CYS A 5 -1.90 5.17 -3.42
C CYS A 5 -1.47 4.62 -4.78
N ARG A 6 -2.44 4.23 -5.61
CA ARG A 6 -2.15 3.69 -6.93
C ARG A 6 -1.39 4.71 -7.77
N LEU A 7 -1.82 5.96 -7.69
CA LEU A 7 -1.18 7.05 -8.42
C LEU A 7 0.26 7.21 -7.95
N ARG A 8 0.48 6.99 -6.65
CA ARG A 8 1.80 7.11 -6.05
C ARG A 8 2.59 5.80 -6.19
N ARG A 9 2.06 4.88 -7.00
CA ARG A 9 2.68 3.58 -7.27
C ARG A 9 2.81 2.72 -6.02
N GLY A 10 1.77 2.72 -5.20
CA GLY A 10 1.77 1.91 -4.00
C GLY A 10 1.08 0.57 -4.24
N PHE A 11 1.67 -0.50 -3.74
CA PHE A 11 1.11 -1.83 -3.92
C PHE A 11 0.25 -2.22 -2.72
N CYS A 12 -0.94 -2.73 -3.00
CA CYS A 12 -1.86 -3.13 -1.94
C CYS A 12 -1.46 -4.48 -1.37
N ALA A 13 -0.95 -4.47 -0.15
CA ALA A 13 -0.55 -5.68 0.52
C ALA A 13 -1.58 -6.08 1.56
N ARG A 14 -2.02 -7.33 1.51
CA ARG A 14 -3.03 -7.82 2.42
C ARG A 14 -2.47 -8.00 3.83
N GLY A 15 -2.94 -7.17 4.75
CA GLY A 15 -2.51 -7.24 6.13
C GLY A 15 -1.14 -6.63 6.37
N ARG A 16 -0.12 -7.14 5.69
CA ARG A 16 1.24 -6.65 5.84
C ARG A 16 2.03 -6.71 4.54
N CYS A 17 2.92 -5.74 4.36
CA CYS A 17 3.75 -5.68 3.17
C CYS A 17 4.85 -6.72 3.25
N ARG A 18 4.96 -7.56 2.24
CA ARG A 18 6.00 -8.57 2.20
C ARG A 18 7.23 -8.02 1.51
N PHE A 19 7.58 -6.81 1.90
CA PHE A 19 8.71 -6.08 1.35
C PHE A 19 8.91 -4.82 2.20
N PRO A 20 10.16 -4.36 2.38
CA PRO A 20 10.49 -3.17 3.20
C PRO A 20 9.88 -1.87 2.66
N SER A 21 8.57 -1.81 2.57
CA SER A 21 7.87 -0.64 2.08
C SER A 21 6.80 -0.22 3.09
N ILE A 22 6.80 1.05 3.45
CA ILE A 22 5.85 1.56 4.43
C ILE A 22 4.49 1.85 3.78
N PRO A 23 3.40 1.50 4.49
CA PRO A 23 2.05 1.73 3.99
C PRO A 23 1.61 3.17 4.24
N ILE A 24 1.35 3.89 3.16
CA ILE A 24 0.93 5.29 3.26
C ILE A 24 -0.55 5.40 3.61
N GLY A 25 -1.32 4.42 3.17
CA GLY A 25 -2.74 4.41 3.42
C GLY A 25 -3.34 3.05 3.17
N ARG A 26 -4.43 2.75 3.84
CA ARG A 26 -5.09 1.45 3.67
C ARG A 26 -5.72 1.33 2.30
N CYS A 27 -5.53 0.19 1.67
CA CYS A 27 -6.11 -0.08 0.36
C CYS A 27 -7.56 -0.50 0.54
N SER A 28 -7.81 -1.14 1.68
CA SER A 28 -9.14 -1.60 2.04
C SER A 28 -9.28 -1.52 3.56
N ARG A 29 -9.92 -2.51 4.19
CA ARG A 29 -10.09 -2.52 5.63
C ARG A 29 -8.87 -3.15 6.29
N PHE A 30 -8.47 -4.33 5.81
CA PHE A 30 -7.32 -5.03 6.34
C PHE A 30 -6.14 -4.87 5.38
N VAL A 31 -6.45 -4.85 4.10
CA VAL A 31 -5.44 -4.69 3.07
C VAL A 31 -4.87 -3.27 3.09
N GLN A 32 -3.57 -3.18 3.25
CA GLN A 32 -2.89 -1.90 3.28
C GLN A 32 -2.36 -1.57 1.89
N CYS A 33 -1.68 -0.45 1.78
CA CYS A 33 -1.09 -0.04 0.51
C CYS A 33 0.27 0.53 0.81
N CYS A 34 1.29 -0.22 0.45
CA CYS A 34 2.66 0.15 0.74
C CYS A 34 3.32 0.88 -0.41
N ARG A 35 3.89 2.02 -0.10
CA ARG A 35 4.60 2.83 -1.09
C ARG A 35 6.09 2.53 -0.99
N ARG A 36 6.73 2.33 -2.14
CA ARG A 36 8.15 2.05 -2.17
C ARG A 36 8.91 3.27 -1.66
N VAL A 37 9.86 3.05 -0.76
CA VAL A 37 10.64 4.15 -0.18
C VAL A 37 11.76 4.59 -1.15
N TRP A 38 11.42 4.73 -2.42
CA TRP A 38 12.37 5.17 -3.43
C TRP A 38 12.65 6.66 -3.31
N SER A 1 -9.04 2.69 1.31
CA SER A 1 -8.87 3.93 0.55
C SER A 1 -7.87 3.76 -0.59
N PHE A 2 -8.15 2.80 -1.48
CA PHE A 2 -7.28 2.52 -2.61
C PHE A 2 -7.28 3.66 -3.63
N GLY A 3 -8.35 4.45 -3.62
CA GLY A 3 -8.46 5.56 -4.56
C GLY A 3 -7.35 6.58 -4.39
N LEU A 4 -7.18 7.06 -3.17
CA LEU A 4 -6.14 8.05 -2.89
C LEU A 4 -4.75 7.43 -2.96
N CYS A 5 -4.64 6.18 -2.54
CA CYS A 5 -3.35 5.49 -2.56
C CYS A 5 -2.87 5.26 -3.99
N ARG A 6 -3.81 5.06 -4.91
CA ARG A 6 -3.48 4.83 -6.32
C ARG A 6 -2.69 6.01 -6.86
N LEU A 7 -3.07 7.22 -6.44
CA LEU A 7 -2.39 8.44 -6.86
C LEU A 7 -0.98 8.48 -6.29
N ARG A 8 -0.84 7.99 -5.06
CA ARG A 8 0.46 7.95 -4.38
C ARG A 8 1.30 6.80 -4.91
N ARG A 9 0.69 5.98 -5.78
CA ARG A 9 1.33 4.83 -6.40
C ARG A 9 1.60 3.71 -5.40
N GLY A 10 0.78 3.62 -4.37
CA GLY A 10 0.94 2.56 -3.39
C GLY A 10 0.43 1.25 -3.93
N PHE A 11 1.17 0.16 -3.69
CA PHE A 11 0.75 -1.14 -4.18
C PHE A 11 0.00 -1.92 -3.12
N CYS A 12 -1.02 -2.65 -3.55
CA CYS A 12 -1.82 -3.45 -2.64
C CYS A 12 -1.13 -4.76 -2.33
N ALA A 13 -0.93 -5.03 -1.05
CA ALA A 13 -0.28 -6.27 -0.64
C ALA A 13 -1.11 -6.93 0.46
N ARG A 14 -1.68 -8.07 0.11
CA ARG A 14 -2.51 -8.83 1.03
C ARG A 14 -1.64 -9.54 2.07
N GLY A 15 -2.05 -9.45 3.33
CA GLY A 15 -1.29 -10.09 4.39
C GLY A 15 0.01 -9.37 4.68
N ARG A 16 -0.06 -8.04 4.70
CA ARG A 16 1.11 -7.19 4.95
C ARG A 16 2.10 -7.24 3.80
N CYS A 17 2.79 -6.13 3.59
CA CYS A 17 3.76 -6.01 2.52
C CYS A 17 5.15 -6.45 2.99
N ARG A 18 6.13 -6.24 2.14
CA ARG A 18 7.51 -6.58 2.46
C ARG A 18 8.15 -5.52 3.33
N PHE A 19 9.42 -5.73 3.67
CA PHE A 19 10.15 -4.80 4.52
C PHE A 19 10.37 -3.43 3.86
N PRO A 20 10.96 -3.35 2.65
CA PRO A 20 11.23 -2.06 1.98
C PRO A 20 9.97 -1.43 1.39
N SER A 21 8.91 -1.41 2.16
CA SER A 21 7.65 -0.83 1.74
C SER A 21 6.80 -0.48 2.95
N ILE A 22 6.53 0.80 3.14
CA ILE A 22 5.74 1.26 4.28
C ILE A 22 4.27 1.43 3.89
N PRO A 23 3.35 1.01 4.77
CA PRO A 23 1.92 1.12 4.53
C PRO A 23 1.39 2.54 4.68
N ILE A 24 1.64 3.36 3.66
CA ILE A 24 1.19 4.75 3.66
C ILE A 24 -0.33 4.81 3.71
N GLY A 25 -0.96 3.77 3.19
CA GLY A 25 -2.40 3.69 3.17
C GLY A 25 -2.85 2.26 3.08
N ARG A 26 -4.13 2.06 2.81
CA ARG A 26 -4.70 0.73 2.69
C ARG A 26 -5.71 0.71 1.58
N CYS A 27 -5.66 -0.33 0.76
CA CYS A 27 -6.56 -0.44 -0.38
C CYS A 27 -7.99 -0.68 0.10
N SER A 28 -8.17 -1.65 0.96
CA SER A 28 -9.50 -1.95 1.49
C SER A 28 -9.55 -1.70 2.99
N ARG A 29 -8.75 -2.46 3.72
CA ARG A 29 -8.68 -2.34 5.18
C ARG A 29 -7.57 -3.22 5.70
N PHE A 30 -7.69 -4.52 5.46
CA PHE A 30 -6.67 -5.46 5.87
C PHE A 30 -5.53 -5.43 4.87
N VAL A 31 -5.90 -5.35 3.59
CA VAL A 31 -4.92 -5.28 2.52
C VAL A 31 -4.22 -3.92 2.56
N GLN A 32 -2.93 -3.95 2.83
CA GLN A 32 -2.14 -2.74 2.93
C GLN A 32 -1.80 -2.18 1.57
N CYS A 33 -1.56 -0.87 1.52
CA CYS A 33 -1.21 -0.20 0.29
C CYS A 33 0.13 0.48 0.53
N CYS A 34 1.14 -0.34 0.65
CA CYS A 34 2.48 0.12 0.95
C CYS A 34 3.15 0.78 -0.24
N ARG A 35 3.82 1.89 0.05
CA ARG A 35 4.57 2.63 -0.93
C ARG A 35 5.99 2.06 -0.99
N ARG A 36 6.52 1.90 -2.19
CA ARG A 36 7.88 1.37 -2.35
C ARG A 36 8.90 2.34 -1.76
N VAL A 37 9.81 1.81 -0.95
CA VAL A 37 10.84 2.63 -0.33
C VAL A 37 12.19 2.32 -0.96
N TRP A 38 12.29 2.56 -2.26
CA TRP A 38 13.52 2.33 -2.99
C TRP A 38 14.56 3.39 -2.67
N SER A 1 -6.04 7.24 1.28
CA SER A 1 -6.49 5.83 1.31
C SER A 1 -6.33 5.18 -0.06
N PHE A 2 -7.30 4.36 -0.46
CA PHE A 2 -7.24 3.67 -1.74
C PHE A 2 -7.23 4.65 -2.91
N GLY A 3 -8.01 5.73 -2.79
CA GLY A 3 -8.06 6.73 -3.84
C GLY A 3 -6.70 7.29 -4.18
N LEU A 4 -6.00 7.77 -3.16
CA LEU A 4 -4.67 8.33 -3.33
C LEU A 4 -3.73 7.27 -3.91
N CYS A 5 -3.84 6.06 -3.39
CA CYS A 5 -3.00 4.95 -3.85
C CYS A 5 -3.25 4.65 -5.32
N ARG A 6 -4.52 4.58 -5.69
CA ARG A 6 -4.91 4.27 -7.06
C ARG A 6 -4.47 5.37 -8.03
N LEU A 7 -4.68 6.63 -7.65
CA LEU A 7 -4.31 7.74 -8.52
C LEU A 7 -2.79 7.82 -8.71
N ARG A 8 -2.03 7.44 -7.67
CA ARG A 8 -0.57 7.47 -7.74
C ARG A 8 -0.04 6.18 -8.36
N ARG A 9 -0.96 5.27 -8.67
CA ARG A 9 -0.62 3.97 -9.27
C ARG A 9 0.28 3.14 -8.36
N GLY A 10 -0.06 3.14 -7.08
CA GLY A 10 0.70 2.37 -6.11
C GLY A 10 0.15 0.97 -5.97
N PHE A 11 1.01 0.00 -5.71
CA PHE A 11 0.56 -1.37 -5.56
C PHE A 11 0.03 -1.59 -4.15
N CYS A 12 -1.12 -2.22 -4.05
CA CYS A 12 -1.73 -2.48 -2.77
C CYS A 12 -1.60 -3.96 -2.45
N ALA A 13 -1.16 -4.29 -1.24
CA ALA A 13 -0.96 -5.67 -0.85
C ALA A 13 -1.72 -6.00 0.43
N ARG A 14 -2.27 -7.20 0.48
CA ARG A 14 -2.99 -7.65 1.66
C ARG A 14 -2.01 -7.87 2.80
N GLY A 15 -2.27 -7.23 3.93
CA GLY A 15 -1.37 -7.33 5.06
C GLY A 15 -0.34 -6.23 5.03
N ARG A 16 -0.19 -5.52 6.14
CA ARG A 16 0.75 -4.41 6.23
C ARG A 16 2.18 -4.85 5.97
N CYS A 17 2.76 -4.37 4.88
CA CYS A 17 4.13 -4.68 4.53
C CYS A 17 5.06 -3.93 5.50
N ARG A 18 6.23 -4.47 5.79
CA ARG A 18 7.13 -3.81 6.72
C ARG A 18 8.58 -4.19 6.47
N PHE A 19 9.05 -3.96 5.25
CA PHE A 19 10.43 -4.24 4.89
C PHE A 19 10.80 -3.57 3.56
N PRO A 20 10.22 -3.99 2.41
CA PRO A 20 10.53 -3.39 1.12
C PRO A 20 9.62 -2.20 0.78
N SER A 21 8.48 -2.17 1.43
CA SER A 21 7.49 -1.12 1.23
C SER A 21 6.64 -0.96 2.48
N ILE A 22 6.17 0.26 2.73
CA ILE A 22 5.35 0.52 3.91
C ILE A 22 3.96 0.99 3.50
N PRO A 23 2.92 0.60 4.26
CA PRO A 23 1.54 0.99 3.97
C PRO A 23 1.30 2.48 4.20
N ILE A 24 1.23 3.24 3.12
CA ILE A 24 1.00 4.68 3.21
C ILE A 24 -0.49 5.00 3.22
N GLY A 25 -1.27 4.18 2.53
CA GLY A 25 -2.70 4.39 2.46
C GLY A 25 -3.47 3.09 2.57
N ARG A 26 -4.61 3.15 3.22
CA ARG A 26 -5.45 1.97 3.41
C ARG A 26 -6.41 1.77 2.24
N CYS A 27 -6.32 0.61 1.59
CA CYS A 27 -7.22 0.29 0.49
C CYS A 27 -8.48 -0.37 1.02
N SER A 28 -8.30 -1.22 2.01
CA SER A 28 -9.40 -1.94 2.63
C SER A 28 -9.01 -2.30 4.06
N ARG A 29 -9.71 -3.27 4.65
CA ARG A 29 -9.42 -3.68 6.02
C ARG A 29 -8.04 -4.31 6.11
N PHE A 30 -7.79 -5.30 5.27
CA PHE A 30 -6.52 -6.01 5.28
C PHE A 30 -5.58 -5.49 4.20
N VAL A 31 -6.15 -5.11 3.06
CA VAL A 31 -5.36 -4.64 1.93
C VAL A 31 -4.78 -3.24 2.22
N GLN A 32 -3.46 -3.17 2.27
CA GLN A 32 -2.74 -1.92 2.54
C GLN A 32 -1.89 -1.51 1.34
N CYS A 33 -1.87 -0.22 1.04
CA CYS A 33 -1.10 0.29 -0.08
C CYS A 33 0.32 0.52 0.37
N CYS A 34 1.16 -0.46 0.16
CA CYS A 34 2.53 -0.35 0.56
C CYS A 34 3.34 0.38 -0.50
N ARG A 35 3.75 1.59 -0.19
CA ARG A 35 4.56 2.38 -1.10
C ARG A 35 5.98 1.86 -1.09
N ARG A 36 6.60 1.79 -2.26
CA ARG A 36 7.96 1.30 -2.40
C ARG A 36 8.94 2.09 -1.53
N VAL A 37 9.67 1.38 -0.69
CA VAL A 37 10.65 1.99 0.20
C VAL A 37 11.99 1.31 0.00
N TRP A 38 12.64 1.70 -1.08
CA TRP A 38 13.94 1.18 -1.44
C TRP A 38 14.97 1.52 -0.37
N SER A 1 -5.27 7.37 -5.59
CA SER A 1 -6.48 6.51 -5.53
C SER A 1 -6.10 5.11 -5.05
N PHE A 2 -6.84 4.60 -4.09
CA PHE A 2 -6.59 3.28 -3.55
C PHE A 2 -7.36 2.22 -4.32
N GLY A 3 -8.39 2.64 -5.06
CA GLY A 3 -9.18 1.71 -5.86
C GLY A 3 -8.28 0.96 -6.83
N LEU A 4 -7.18 1.61 -7.16
CA LEU A 4 -6.15 1.09 -8.03
C LEU A 4 -4.89 1.88 -7.78
N CYS A 5 -4.24 1.59 -6.65
CA CYS A 5 -3.04 2.30 -6.26
C CYS A 5 -1.98 2.13 -7.34
N ARG A 6 -1.22 3.20 -7.55
CA ARG A 6 -0.18 3.27 -8.59
C ARG A 6 0.67 2.01 -8.73
N LEU A 7 0.88 1.29 -7.62
CA LEU A 7 1.70 0.08 -7.60
C LEU A 7 3.18 0.42 -7.74
N ARG A 8 3.49 1.31 -8.67
CA ARG A 8 4.85 1.77 -8.89
C ARG A 8 5.28 2.59 -7.69
N ARG A 9 4.36 3.43 -7.21
CA ARG A 9 4.61 4.27 -6.05
C ARG A 9 4.16 3.53 -4.82
N GLY A 10 2.86 3.30 -4.73
CA GLY A 10 2.31 2.57 -3.61
C GLY A 10 1.51 1.39 -4.11
N PHE A 11 1.87 0.21 -3.65
CA PHE A 11 1.18 -1.01 -4.07
C PHE A 11 0.34 -1.57 -2.94
N CYS A 12 -0.90 -1.90 -3.24
CA CYS A 12 -1.79 -2.44 -2.24
C CYS A 12 -1.61 -3.95 -2.13
N ALA A 13 -1.35 -4.42 -0.92
CA ALA A 13 -1.15 -5.83 -0.66
C ALA A 13 -2.03 -6.27 0.50
N ARG A 14 -2.55 -7.49 0.41
CA ARG A 14 -3.43 -8.02 1.44
C ARG A 14 -2.69 -8.15 2.78
N GLY A 15 -3.27 -7.57 3.82
CA GLY A 15 -2.66 -7.63 5.13
C GLY A 15 -1.45 -6.73 5.24
N ARG A 16 -0.35 -7.27 5.73
CA ARG A 16 0.88 -6.51 5.86
C ARG A 16 1.82 -6.84 4.72
N CYS A 17 2.38 -5.81 4.11
CA CYS A 17 3.29 -5.99 3.00
C CYS A 17 4.62 -6.56 3.49
N ARG A 18 4.97 -7.74 3.01
CA ARG A 18 6.21 -8.40 3.41
C ARG A 18 7.37 -7.86 2.57
N PHE A 19 7.57 -6.57 2.64
CA PHE A 19 8.61 -5.90 1.87
C PHE A 19 8.77 -4.48 2.41
N PRO A 20 10.02 -3.99 2.55
CA PRO A 20 10.33 -2.64 3.05
C PRO A 20 9.60 -1.54 2.29
N SER A 21 8.37 -1.30 2.69
CA SER A 21 7.51 -0.29 2.09
C SER A 21 6.42 0.09 3.07
N ILE A 22 6.35 1.36 3.43
CA ILE A 22 5.36 1.84 4.38
C ILE A 22 4.02 2.12 3.71
N PRO A 23 2.92 1.74 4.37
CA PRO A 23 1.58 1.94 3.83
C PRO A 23 1.13 3.39 3.95
N ILE A 24 1.01 4.06 2.81
CA ILE A 24 0.57 5.45 2.77
C ILE A 24 -0.93 5.53 2.92
N GLY A 25 -1.60 4.45 2.57
CA GLY A 25 -3.04 4.38 2.68
C GLY A 25 -3.50 2.95 2.74
N ARG A 26 -4.80 2.74 2.54
CA ARG A 26 -5.36 1.41 2.60
C ARG A 26 -6.55 1.30 1.66
N CYS A 27 -6.48 0.33 0.75
CA CYS A 27 -7.55 0.14 -0.22
C CYS A 27 -8.76 -0.51 0.43
N SER A 28 -8.54 -1.62 1.11
CA SER A 28 -9.61 -2.33 1.80
C SER A 28 -9.38 -2.27 3.31
N ARG A 29 -9.79 -3.32 4.03
CA ARG A 29 -9.59 -3.36 5.46
C ARG A 29 -8.20 -3.89 5.79
N PHE A 30 -7.82 -4.97 5.12
CA PHE A 30 -6.51 -5.57 5.32
C PHE A 30 -5.53 -5.07 4.27
N VAL A 31 -5.98 -5.00 3.03
CA VAL A 31 -5.14 -4.57 1.91
C VAL A 31 -4.70 -3.11 2.07
N GLN A 32 -3.41 -2.92 2.35
CA GLN A 32 -2.83 -1.59 2.52
C GLN A 32 -2.01 -1.19 1.29
N CYS A 33 -1.99 0.10 0.97
CA CYS A 33 -1.24 0.59 -0.16
C CYS A 33 0.15 1.01 0.30
N CYS A 34 1.04 0.03 0.37
CA CYS A 34 2.39 0.28 0.83
C CYS A 34 3.22 0.94 -0.25
N ARG A 35 3.66 2.15 0.02
CA ARG A 35 4.49 2.90 -0.90
C ARG A 35 5.93 2.43 -0.78
N ARG A 36 6.57 2.23 -1.92
CA ARG A 36 7.95 1.77 -1.97
C ARG A 36 8.88 2.75 -1.28
N VAL A 37 9.64 2.25 -0.32
CA VAL A 37 10.59 3.05 0.42
C VAL A 37 11.93 2.31 0.48
N TRP A 38 12.26 1.69 -0.64
CA TRP A 38 13.50 0.95 -0.77
C TRP A 38 13.79 0.75 -2.25
N SER A 1 -11.44 4.57 -3.97
CA SER A 1 -10.06 4.73 -4.45
C SER A 1 -9.25 3.47 -4.15
N PHE A 2 -7.92 3.61 -4.09
CA PHE A 2 -7.01 2.50 -3.81
C PHE A 2 -7.16 1.37 -4.82
N GLY A 3 -7.59 1.72 -6.02
CA GLY A 3 -7.74 0.74 -7.08
C GLY A 3 -6.50 0.75 -7.96
N LEU A 4 -6.05 1.95 -8.26
CA LEU A 4 -4.87 2.15 -9.07
C LEU A 4 -3.73 2.66 -8.19
N CYS A 5 -3.63 2.06 -6.99
CA CYS A 5 -2.63 2.44 -6.01
C CYS A 5 -1.21 2.17 -6.52
N ARG A 6 -1.08 1.16 -7.37
CA ARG A 6 0.23 0.80 -7.92
C ARG A 6 0.77 1.90 -8.84
N LEU A 7 -0.06 2.37 -9.74
CA LEU A 7 0.36 3.39 -10.69
C LEU A 7 0.41 4.79 -10.07
N ARG A 8 -0.48 5.06 -9.11
CA ARG A 8 -0.47 6.37 -8.47
C ARG A 8 0.83 6.57 -7.73
N ARG A 9 1.20 5.58 -6.90
CA ARG A 9 2.44 5.59 -6.13
C ARG A 9 2.36 4.58 -5.01
N GLY A 10 2.93 3.41 -5.27
CA GLY A 10 2.92 2.34 -4.29
C GLY A 10 2.39 1.06 -4.88
N PHE A 11 1.65 0.30 -4.08
CA PHE A 11 1.07 -0.95 -4.50
C PHE A 11 0.19 -1.50 -3.38
N CYS A 12 -0.97 -2.03 -3.74
CA CYS A 12 -1.88 -2.57 -2.77
C CYS A 12 -1.59 -4.05 -2.53
N ALA A 13 -1.34 -4.40 -1.28
CA ALA A 13 -1.05 -5.78 -0.90
C ALA A 13 -2.03 -6.28 0.14
N ARG A 14 -2.52 -7.50 -0.05
CA ARG A 14 -3.47 -8.10 0.86
C ARG A 14 -2.78 -8.57 2.14
N GLY A 15 -3.38 -8.24 3.28
CA GLY A 15 -2.82 -8.62 4.57
C GLY A 15 -1.73 -7.68 5.03
N ARG A 16 -0.67 -7.57 4.23
CA ARG A 16 0.45 -6.69 4.52
C ARG A 16 1.42 -6.69 3.35
N CYS A 17 2.41 -5.82 3.43
CA CYS A 17 3.40 -5.69 2.37
C CYS A 17 4.77 -6.17 2.84
N ARG A 18 5.79 -5.94 2.03
CA ARG A 18 7.16 -6.33 2.36
C ARG A 18 7.89 -5.20 3.07
N PHE A 19 9.13 -5.47 3.45
CA PHE A 19 9.96 -4.50 4.16
C PHE A 19 10.18 -3.20 3.36
N PRO A 20 10.64 -3.26 2.10
CA PRO A 20 10.91 -2.06 1.30
C PRO A 20 9.63 -1.35 0.83
N SER A 21 8.65 -1.27 1.70
CA SER A 21 7.40 -0.61 1.40
C SER A 21 6.65 -0.27 2.68
N ILE A 22 6.33 1.00 2.87
CA ILE A 22 5.62 1.43 4.07
C ILE A 22 4.15 1.68 3.78
N PRO A 23 3.27 1.31 4.72
CA PRO A 23 1.82 1.50 4.56
C PRO A 23 1.45 2.97 4.48
N ILE A 24 0.86 3.37 3.37
CA ILE A 24 0.46 4.74 3.15
C ILE A 24 -1.05 4.90 3.36
N GLY A 25 -1.76 3.80 3.20
CA GLY A 25 -3.20 3.82 3.37
C GLY A 25 -3.81 2.47 3.07
N ARG A 26 -4.85 2.11 3.82
CA ARG A 26 -5.52 0.83 3.62
C ARG A 26 -6.39 0.89 2.37
N CYS A 27 -6.32 -0.15 1.55
CA CYS A 27 -7.13 -0.20 0.34
C CYS A 27 -8.59 -0.44 0.73
N SER A 28 -8.76 -1.22 1.80
CA SER A 28 -10.08 -1.53 2.31
C SER A 28 -10.04 -1.55 3.84
N ARG A 29 -9.17 -2.38 4.39
CA ARG A 29 -8.98 -2.49 5.82
C ARG A 29 -7.78 -3.39 6.12
N PHE A 30 -7.91 -4.66 5.78
CA PHE A 30 -6.81 -5.61 5.98
C PHE A 30 -5.78 -5.37 4.90
N VAL A 31 -6.28 -5.15 3.69
CA VAL A 31 -5.44 -4.89 2.53
C VAL A 31 -4.83 -3.49 2.67
N GLN A 32 -3.51 -3.40 2.57
CA GLN A 32 -2.81 -2.14 2.70
C GLN A 32 -2.09 -1.76 1.42
N CYS A 33 -1.92 -0.46 1.20
CA CYS A 33 -1.19 0.01 0.06
C CYS A 33 0.12 0.53 0.60
N CYS A 34 1.21 -0.02 0.15
CA CYS A 34 2.49 0.40 0.67
C CYS A 34 3.38 0.97 -0.40
N ARG A 35 3.73 2.22 -0.21
CA ARG A 35 4.62 2.89 -1.13
C ARG A 35 6.03 2.32 -0.98
N ARG A 36 6.64 1.96 -2.09
CA ARG A 36 7.99 1.40 -2.06
C ARG A 36 8.97 2.42 -1.53
N VAL A 37 9.89 1.97 -0.69
CA VAL A 37 10.89 2.85 -0.10
C VAL A 37 12.03 3.09 -1.10
N TRP A 38 11.66 3.52 -2.30
CA TRP A 38 12.62 3.80 -3.34
C TRP A 38 13.45 5.05 -2.99
N SER A 1 -10.08 7.37 -2.50
CA SER A 1 -10.18 6.21 -3.40
C SER A 1 -8.89 5.38 -3.35
N PHE A 2 -9.05 4.08 -3.13
CA PHE A 2 -7.90 3.19 -3.05
C PHE A 2 -7.23 3.03 -4.41
N GLY A 3 -7.98 3.25 -5.48
CA GLY A 3 -7.45 3.11 -6.83
C GLY A 3 -6.17 3.90 -7.07
N LEU A 4 -6.13 5.13 -6.58
CA LEU A 4 -4.95 5.97 -6.76
C LEU A 4 -3.74 5.41 -6.01
N CYS A 5 -3.95 5.06 -4.76
CA CYS A 5 -2.89 4.52 -3.92
C CYS A 5 -2.47 3.12 -4.38
N ARG A 6 -3.43 2.36 -4.89
CA ARG A 6 -3.21 0.98 -5.33
C ARG A 6 -2.08 0.83 -6.35
N LEU A 7 -1.94 1.78 -7.27
CA LEU A 7 -0.89 1.65 -8.29
C LEU A 7 -0.39 3.01 -8.79
N ARG A 8 -1.28 4.00 -8.83
CA ARG A 8 -0.90 5.33 -9.31
C ARG A 8 0.17 5.95 -8.41
N ARG A 9 0.19 5.56 -7.13
CA ARG A 9 1.17 6.09 -6.19
C ARG A 9 1.66 5.02 -5.22
N GLY A 10 1.78 3.78 -5.69
CA GLY A 10 2.26 2.73 -4.81
C GLY A 10 1.72 1.36 -5.18
N PHE A 11 1.47 0.54 -4.16
CA PHE A 11 0.93 -0.79 -4.36
C PHE A 11 0.29 -1.28 -3.07
N CYS A 12 -0.74 -2.09 -3.20
CA CYS A 12 -1.45 -2.61 -2.04
C CYS A 12 -0.83 -3.90 -1.53
N ALA A 13 -0.81 -4.04 -0.21
CA ALA A 13 -0.27 -5.22 0.45
C ALA A 13 -1.25 -5.66 1.55
N ARG A 14 -1.54 -6.94 1.61
CA ARG A 14 -2.50 -7.45 2.59
C ARG A 14 -1.84 -7.68 3.95
N GLY A 15 -2.30 -6.92 4.95
CA GLY A 15 -1.79 -7.06 6.31
C GLY A 15 -0.38 -6.52 6.49
N ARG A 16 0.59 -7.19 5.87
CA ARG A 16 1.99 -6.79 5.99
C ARG A 16 2.51 -6.31 4.64
N CYS A 17 3.21 -5.20 4.66
CA CYS A 17 3.80 -4.65 3.45
C CYS A 17 5.10 -5.37 3.14
N ARG A 18 5.59 -5.21 1.91
CA ARG A 18 6.84 -5.82 1.52
C ARG A 18 7.98 -5.11 2.26
N PHE A 19 9.17 -5.69 2.21
CA PHE A 19 10.33 -5.10 2.89
C PHE A 19 10.51 -3.61 2.52
N PRO A 20 10.62 -3.25 1.22
CA PRO A 20 10.79 -1.86 0.81
C PRO A 20 9.48 -1.12 0.61
N SER A 21 8.59 -1.16 1.59
CA SER A 21 7.31 -0.48 1.48
C SER A 21 6.73 -0.16 2.85
N ILE A 22 6.06 0.98 2.94
CA ILE A 22 5.43 1.40 4.18
C ILE A 22 3.94 1.67 3.97
N PRO A 23 3.10 1.32 4.95
CA PRO A 23 1.65 1.50 4.88
C PRO A 23 1.22 2.96 5.01
N ILE A 24 1.51 3.74 3.97
CA ILE A 24 1.15 5.16 3.96
C ILE A 24 -0.36 5.34 3.99
N GLY A 25 -1.08 4.43 3.33
CA GLY A 25 -2.52 4.49 3.31
C GLY A 25 -3.15 3.12 3.44
N ARG A 26 -4.31 2.93 2.84
CA ARG A 26 -5.00 1.65 2.92
C ARG A 26 -5.93 1.45 1.72
N CYS A 27 -5.90 0.25 1.16
CA CYS A 27 -6.73 -0.06 -0.01
C CYS A 27 -8.03 -0.76 0.38
N SER A 28 -7.96 -1.60 1.41
CA SER A 28 -9.14 -2.33 1.85
C SER A 28 -9.20 -2.35 3.38
N ARG A 29 -9.70 -3.43 3.96
CA ARG A 29 -9.80 -3.52 5.41
C ARG A 29 -8.46 -3.94 6.00
N PHE A 30 -7.90 -5.02 5.48
CA PHE A 30 -6.62 -5.54 5.92
C PHE A 30 -5.52 -5.07 4.97
N VAL A 31 -5.90 -4.96 3.70
CA VAL A 31 -4.97 -4.54 2.66
C VAL A 31 -4.61 -3.06 2.79
N GLN A 32 -3.36 -2.80 3.10
CA GLN A 32 -2.85 -1.44 3.25
C GLN A 32 -2.22 -0.96 1.97
N CYS A 33 -2.06 0.35 1.85
CA CYS A 33 -1.40 0.92 0.69
C CYS A 33 0.05 1.12 1.06
N CYS A 34 0.89 0.22 0.62
CA CYS A 34 2.28 0.27 0.95
C CYS A 34 3.12 0.67 -0.24
N ARG A 35 3.40 1.95 -0.35
CA ARG A 35 4.20 2.45 -1.45
C ARG A 35 5.65 2.00 -1.29
N ARG A 36 6.30 1.73 -2.41
CA ARG A 36 7.68 1.30 -2.39
C ARG A 36 8.57 2.47 -1.97
N VAL A 37 9.45 2.23 -1.00
CA VAL A 37 10.36 3.25 -0.49
C VAL A 37 11.50 3.51 -1.45
N TRP A 38 11.19 3.47 -2.74
CA TRP A 38 12.15 3.73 -3.78
C TRP A 38 13.34 2.74 -3.71
N SER A 1 -12.69 1.43 0.20
CA SER A 1 -12.08 2.61 -0.43
C SER A 1 -10.56 2.59 -0.31
N PHE A 2 -9.89 2.76 -1.44
CA PHE A 2 -8.43 2.78 -1.48
C PHE A 2 -7.91 4.09 -0.91
N GLY A 3 -8.77 5.10 -0.92
CA GLY A 3 -8.40 6.40 -0.43
C GLY A 3 -7.54 7.13 -1.44
N LEU A 4 -7.91 6.97 -2.72
CA LEU A 4 -7.18 7.60 -3.82
C LEU A 4 -5.74 7.09 -3.85
N CYS A 5 -5.56 5.88 -3.37
CA CYS A 5 -4.24 5.27 -3.33
C CYS A 5 -4.04 4.35 -4.52
N ARG A 6 -2.89 3.68 -4.55
CA ARG A 6 -2.52 2.73 -5.62
C ARG A 6 -2.28 3.41 -6.97
N LEU A 7 -3.05 4.44 -7.30
CA LEU A 7 -2.92 5.14 -8.58
C LEU A 7 -1.49 5.61 -8.78
N ARG A 8 -1.03 6.50 -7.92
CA ARG A 8 0.33 6.99 -7.98
C ARG A 8 0.88 7.05 -6.56
N ARG A 9 0.36 6.16 -5.73
CA ARG A 9 0.77 6.08 -4.34
C ARG A 9 1.60 4.84 -4.08
N GLY A 10 1.06 3.69 -4.46
CA GLY A 10 1.78 2.44 -4.27
C GLY A 10 1.02 1.27 -4.82
N PHE A 11 1.13 0.13 -4.15
CA PHE A 11 0.45 -1.08 -4.58
C PHE A 11 -0.25 -1.75 -3.41
N CYS A 12 -1.43 -2.30 -3.67
CA CYS A 12 -2.19 -2.96 -2.64
C CYS A 12 -1.63 -4.35 -2.37
N ALA A 13 -1.22 -4.59 -1.14
CA ALA A 13 -0.67 -5.88 -0.76
C ALA A 13 -1.52 -6.54 0.32
N ARG A 14 -1.73 -7.84 0.19
CA ARG A 14 -2.51 -8.59 1.16
C ARG A 14 -1.66 -8.92 2.39
N GLY A 15 -1.06 -7.88 2.96
CA GLY A 15 -0.22 -8.05 4.12
C GLY A 15 0.25 -6.72 4.65
N ARG A 16 0.44 -6.64 5.96
CA ARG A 16 0.89 -5.41 6.60
C ARG A 16 2.37 -5.18 6.34
N CYS A 17 2.67 -4.53 5.23
CA CYS A 17 4.04 -4.23 4.84
C CYS A 17 4.74 -3.36 5.87
N ARG A 18 5.97 -3.70 6.21
CA ARG A 18 6.75 -2.94 7.17
C ARG A 18 8.22 -3.29 7.06
N PHE A 19 8.69 -3.35 5.82
CA PHE A 19 10.08 -3.66 5.51
C PHE A 19 10.38 -3.47 4.03
N PRO A 20 9.73 -4.22 3.11
CA PRO A 20 9.97 -4.08 1.68
C PRO A 20 9.03 -3.08 1.02
N SER A 21 8.27 -2.36 1.85
CA SER A 21 7.32 -1.37 1.39
C SER A 21 6.62 -0.75 2.59
N ILE A 22 6.24 0.52 2.48
CA ILE A 22 5.56 1.19 3.59
C ILE A 22 4.08 1.38 3.30
N PRO A 23 3.23 1.15 4.30
CA PRO A 23 1.78 1.28 4.17
C PRO A 23 1.33 2.74 4.27
N ILE A 24 1.60 3.52 3.23
CA ILE A 24 1.24 4.93 3.20
C ILE A 24 -0.28 5.11 3.21
N GLY A 25 -1.00 4.09 2.76
CA GLY A 25 -2.44 4.15 2.73
C GLY A 25 -3.07 2.80 3.00
N ARG A 26 -4.36 2.67 2.71
CA ARG A 26 -5.07 1.43 2.94
C ARG A 26 -6.09 1.18 1.83
N CYS A 27 -5.98 0.03 1.18
CA CYS A 27 -6.90 -0.35 0.12
C CYS A 27 -8.10 -1.04 0.72
N SER A 28 -7.82 -1.89 1.71
CA SER A 28 -8.82 -2.65 2.42
C SER A 28 -8.27 -2.95 3.82
N ARG A 29 -9.13 -3.38 4.73
CA ARG A 29 -8.69 -3.67 6.11
C ARG A 29 -7.49 -4.61 6.13
N PHE A 30 -7.56 -5.69 5.37
CA PHE A 30 -6.46 -6.64 5.30
C PHE A 30 -5.60 -6.43 4.07
N VAL A 31 -5.67 -5.25 3.50
CA VAL A 31 -4.90 -4.92 2.31
C VAL A 31 -4.31 -3.52 2.41
N GLN A 32 -3.04 -3.45 2.74
CA GLN A 32 -2.34 -2.18 2.88
C GLN A 32 -1.93 -1.63 1.51
N CYS A 33 -1.93 -0.31 1.38
CA CYS A 33 -1.51 0.32 0.14
C CYS A 33 -0.04 0.64 0.28
N CYS A 34 0.75 -0.41 0.20
CA CYS A 34 2.19 -0.31 0.40
C CYS A 34 2.89 0.40 -0.76
N ARG A 35 3.55 1.50 -0.40
CA ARG A 35 4.34 2.27 -1.33
C ARG A 35 5.79 1.83 -1.23
N ARG A 36 6.44 1.59 -2.38
CA ARG A 36 7.81 1.15 -2.38
C ARG A 36 8.73 2.22 -1.80
N VAL A 37 9.59 1.82 -0.87
CA VAL A 37 10.54 2.73 -0.25
C VAL A 37 11.80 2.78 -1.10
N TRP A 38 11.61 3.05 -2.38
CA TRP A 38 12.70 3.12 -3.33
C TRP A 38 12.22 3.77 -4.61
N SER A 1 -6.94 3.37 -9.39
CA SER A 1 -6.65 1.94 -9.24
C SER A 1 -6.15 1.62 -7.84
N PHE A 2 -6.73 0.61 -7.21
CA PHE A 2 -6.35 0.18 -5.87
C PHE A 2 -4.93 -0.38 -5.88
N GLY A 3 -4.61 -1.10 -6.94
CA GLY A 3 -3.28 -1.69 -7.08
C GLY A 3 -2.21 -0.63 -7.16
N LEU A 4 -2.57 0.53 -7.72
CA LEU A 4 -1.64 1.65 -7.86
C LEU A 4 -2.10 2.81 -6.99
N CYS A 5 -2.32 2.53 -5.71
CA CYS A 5 -2.76 3.55 -4.76
C CYS A 5 -1.80 4.73 -4.71
N ARG A 6 -2.39 5.91 -4.49
CA ARG A 6 -1.65 7.18 -4.42
C ARG A 6 -1.13 7.60 -5.81
N LEU A 7 -1.07 6.64 -6.73
CA LEU A 7 -0.61 6.85 -8.11
C LEU A 7 0.90 7.08 -8.22
N ARG A 8 1.50 7.64 -7.18
CA ARG A 8 2.94 7.91 -7.19
C ARG A 8 3.72 6.63 -6.89
N ARG A 9 3.43 5.61 -7.69
CA ARG A 9 4.07 4.29 -7.57
C ARG A 9 3.81 3.65 -6.22
N GLY A 10 2.57 3.71 -5.78
CA GLY A 10 2.17 3.11 -4.53
C GLY A 10 1.31 1.90 -4.80
N PHE A 11 1.27 0.95 -3.89
CA PHE A 11 0.48 -0.25 -4.10
C PHE A 11 -0.14 -0.79 -2.83
N CYS A 12 -1.38 -1.23 -2.93
CA CYS A 12 -2.09 -1.78 -1.79
C CYS A 12 -1.88 -3.28 -1.73
N ALA A 13 -1.47 -3.75 -0.55
CA ALA A 13 -1.22 -5.17 -0.34
C ALA A 13 -2.13 -5.70 0.76
N ARG A 14 -2.62 -6.91 0.57
CA ARG A 14 -3.51 -7.53 1.55
C ARG A 14 -2.72 -7.95 2.78
N GLY A 15 -3.32 -7.81 3.94
CA GLY A 15 -2.66 -8.17 5.17
C GLY A 15 -1.88 -7.01 5.75
N ARG A 16 -0.57 -7.02 5.54
CA ARG A 16 0.29 -5.97 6.06
C ARG A 16 1.65 -5.96 5.36
N CYS A 17 2.29 -4.81 5.37
CA CYS A 17 3.61 -4.64 4.76
C CYS A 17 4.49 -3.84 5.70
N ARG A 18 5.68 -4.35 5.97
CA ARG A 18 6.62 -3.68 6.88
C ARG A 18 8.03 -4.21 6.69
N PHE A 19 8.52 -4.10 5.46
CA PHE A 19 9.86 -4.55 5.13
C PHE A 19 10.32 -3.86 3.84
N PRO A 20 9.65 -4.11 2.70
CA PRO A 20 10.02 -3.48 1.43
C PRO A 20 9.38 -2.10 1.29
N SER A 21 8.16 -1.99 1.79
CA SER A 21 7.40 -0.75 1.74
C SER A 21 6.67 -0.52 3.05
N ILE A 22 6.57 0.74 3.46
CA ILE A 22 5.88 1.09 4.70
C ILE A 22 4.43 1.48 4.41
N PRO A 23 3.52 1.17 5.33
CA PRO A 23 2.10 1.47 5.16
C PRO A 23 1.82 2.97 5.25
N ILE A 24 1.63 3.59 4.09
CA ILE A 24 1.35 5.02 4.03
C ILE A 24 -0.15 5.26 4.22
N GLY A 25 -0.93 4.28 3.81
CA GLY A 25 -2.38 4.34 3.94
C GLY A 25 -2.99 2.98 3.69
N ARG A 26 -4.18 2.92 3.09
CA ARG A 26 -4.81 1.64 2.82
C ARG A 26 -6.05 1.79 1.94
N CYS A 27 -6.21 0.85 1.02
CA CYS A 27 -7.35 0.83 0.12
C CYS A 27 -8.55 0.22 0.83
N SER A 28 -8.27 -0.72 1.71
CA SER A 28 -9.29 -1.40 2.48
C SER A 28 -8.74 -1.72 3.88
N ARG A 29 -9.61 -2.19 4.76
CA ARG A 29 -9.22 -2.52 6.14
C ARG A 29 -8.00 -3.44 6.17
N PHE A 30 -8.04 -4.53 5.43
CA PHE A 30 -6.94 -5.47 5.41
C PHE A 30 -6.16 -5.35 4.10
N VAL A 31 -6.15 -4.16 3.53
CA VAL A 31 -5.42 -3.92 2.30
C VAL A 31 -4.68 -2.59 2.42
N GLN A 32 -3.54 -2.64 3.08
CA GLN A 32 -2.71 -1.47 3.33
C GLN A 32 -2.02 -0.98 2.05
N CYS A 33 -1.92 0.33 1.93
CA CYS A 33 -1.24 0.94 0.80
C CYS A 33 0.18 1.20 1.24
N CYS A 34 1.09 0.40 0.74
CA CYS A 34 2.47 0.53 1.11
C CYS A 34 3.32 0.92 -0.09
N ARG A 35 3.48 2.22 -0.26
CA ARG A 35 4.28 2.75 -1.36
C ARG A 35 5.75 2.35 -1.18
N ARG A 36 6.39 1.98 -2.28
CA ARG A 36 7.79 1.59 -2.23
C ARG A 36 8.67 2.76 -1.80
N VAL A 37 9.44 2.56 -0.74
CA VAL A 37 10.31 3.59 -0.22
C VAL A 37 11.77 3.17 -0.38
N TRP A 38 12.19 3.08 -1.63
CA TRP A 38 13.54 2.68 -1.97
C TRP A 38 14.47 3.88 -1.87
N SER A 1 -10.48 5.06 -0.76
CA SER A 1 -9.42 4.43 0.07
C SER A 1 -8.27 3.93 -0.79
N PHE A 2 -8.56 3.07 -1.75
CA PHE A 2 -7.54 2.52 -2.64
C PHE A 2 -7.32 3.40 -3.87
N GLY A 3 -8.15 4.43 -3.99
CA GLY A 3 -8.05 5.34 -5.12
C GLY A 3 -6.69 6.03 -5.18
N LEU A 4 -6.18 6.41 -4.02
CA LEU A 4 -4.88 7.06 -3.94
C LEU A 4 -3.74 6.04 -3.81
N CYS A 5 -3.88 4.94 -4.53
CA CYS A 5 -2.87 3.88 -4.49
C CYS A 5 -2.85 3.13 -5.81
N ARG A 6 -1.81 2.30 -6.01
CA ARG A 6 -1.64 1.50 -7.22
C ARG A 6 -1.29 2.36 -8.45
N LEU A 7 -1.87 3.55 -8.52
CA LEU A 7 -1.64 4.47 -9.62
C LEU A 7 -0.37 5.26 -9.42
N ARG A 8 0.74 4.53 -9.38
CA ARG A 8 2.08 5.08 -9.20
C ARG A 8 2.32 5.56 -7.77
N ARG A 9 1.25 5.85 -7.05
CA ARG A 9 1.36 6.32 -5.66
C ARG A 9 1.94 5.21 -4.78
N GLY A 10 1.66 3.98 -5.15
CA GLY A 10 2.14 2.83 -4.42
C GLY A 10 1.51 1.57 -4.94
N PHE A 11 1.28 0.60 -4.07
CA PHE A 11 0.66 -0.65 -4.48
C PHE A 11 -0.01 -1.30 -3.28
N CYS A 12 -1.20 -1.83 -3.50
CA CYS A 12 -1.96 -2.46 -2.46
C CYS A 12 -1.43 -3.86 -2.16
N ALA A 13 -1.19 -4.13 -0.88
CA ALA A 13 -0.69 -5.41 -0.44
C ALA A 13 -1.42 -5.84 0.83
N ARG A 14 -2.03 -7.01 0.80
CA ARG A 14 -2.77 -7.52 1.94
C ARG A 14 -1.82 -8.00 3.02
N GLY A 15 -2.15 -7.66 4.26
CA GLY A 15 -1.33 -8.04 5.38
C GLY A 15 -0.76 -6.80 6.07
N ARG A 16 0.55 -6.71 6.13
CA ARG A 16 1.20 -5.56 6.74
C ARG A 16 2.65 -5.47 6.29
N CYS A 17 2.93 -4.43 5.51
CA CYS A 17 4.26 -4.20 4.99
C CYS A 17 5.06 -3.32 5.94
N ARG A 18 6.32 -3.67 6.18
CA ARG A 18 7.17 -2.91 7.07
C ARG A 18 8.64 -3.28 6.84
N PHE A 19 9.04 -3.22 5.58
CA PHE A 19 10.41 -3.53 5.20
C PHE A 19 10.71 -3.07 3.76
N PRO A 20 10.06 -3.65 2.73
CA PRO A 20 10.29 -3.25 1.34
C PRO A 20 9.44 -2.05 0.95
N SER A 21 8.34 -1.88 1.66
CA SER A 21 7.42 -0.79 1.42
C SER A 21 6.64 -0.50 2.69
N ILE A 22 6.23 0.75 2.87
CA ILE A 22 5.47 1.15 4.05
C ILE A 22 4.03 1.46 3.70
N PRO A 23 3.08 1.11 4.60
CA PRO A 23 1.66 1.35 4.37
C PRO A 23 1.28 2.82 4.55
N ILE A 24 1.58 3.63 3.54
CA ILE A 24 1.28 5.05 3.58
C ILE A 24 -0.22 5.29 3.70
N GLY A 25 -1.00 4.46 3.01
CA GLY A 25 -2.44 4.59 3.06
C GLY A 25 -3.11 3.26 3.31
N ARG A 26 -4.39 3.18 2.99
CA ARG A 26 -5.14 1.95 3.19
C ARG A 26 -6.09 1.70 2.02
N CYS A 27 -5.89 0.57 1.35
CA CYS A 27 -6.74 0.18 0.23
C CYS A 27 -8.00 -0.49 0.79
N SER A 28 -7.77 -1.26 1.85
CA SER A 28 -8.81 -1.99 2.54
C SER A 28 -8.29 -2.30 3.94
N ARG A 29 -9.11 -2.83 4.83
CA ARG A 29 -8.67 -3.14 6.19
C ARG A 29 -7.45 -4.06 6.18
N PHE A 30 -7.53 -5.09 5.37
CA PHE A 30 -6.45 -6.06 5.27
C PHE A 30 -5.42 -5.61 4.23
N VAL A 31 -5.91 -5.00 3.16
CA VAL A 31 -5.05 -4.55 2.08
C VAL A 31 -4.46 -3.17 2.35
N GLN A 32 -3.18 -3.13 2.66
CA GLN A 32 -2.47 -1.90 2.94
C GLN A 32 -1.96 -1.25 1.65
N CYS A 33 -1.80 0.06 1.66
CA CYS A 33 -1.27 0.78 0.51
C CYS A 33 0.21 0.98 0.73
N CYS A 34 0.99 -0.01 0.36
CA CYS A 34 2.41 0.02 0.56
C CYS A 34 3.14 0.81 -0.52
N ARG A 35 3.78 1.87 -0.09
CA ARG A 35 4.57 2.71 -0.99
C ARG A 35 6.00 2.17 -1.04
N ARG A 36 6.49 1.92 -2.24
CA ARG A 36 7.83 1.38 -2.41
C ARG A 36 8.88 2.30 -1.79
N VAL A 37 9.76 1.72 -0.98
CA VAL A 37 10.80 2.46 -0.29
C VAL A 37 11.98 1.54 0.00
N TRP A 38 12.30 0.72 -1.00
CA TRP A 38 13.40 -0.21 -0.88
C TRP A 38 13.75 -0.74 -2.27
#